data_6KDR
#
_entry.id   6KDR
#
_cell.length_a   70.548
_cell.length_b   96.534
_cell.length_c   100.213
_cell.angle_alpha   90.000
_cell.angle_beta   90.000
_cell.angle_gamma   90.000
#
_symmetry.space_group_name_H-M   'P 21 21 21'
#
loop_
_entity.id
_entity.type
_entity.pdbx_description
1 polymer 'Alpha N-terminal protein methyltransferase 1B'
2 polymer 'Peptide from Major centromere autoantigen B'
3 non-polymer S-ADENOSYL-L-HOMOCYSTEINE
4 non-polymer GLYCEROL
5 non-polymer 'CHLORIDE ION'
6 water water
#
loop_
_entity_poly.entity_id
_entity_poly.type
_entity_poly.pdbx_seq_one_letter_code
_entity_poly.pdbx_strand_id
1 'polypeptide(L)'
;MGSSHHHHHHSSGLVPRGSHMVINGEMQFYARAKLFYQEVPATEEGMMGNFIELSSPDIQASQKFLRKFVGGPGRAGTDC
ALDCGSGIGRVSKHVLLPVFNSVELVDMMESFLLEAQNYLQVKGDKVESYHCYSLQEFTPPFRRYDVIWIQWVSGHLTDK
DLLAFLSRCRDGLKENGIIILKDNVAREGCILDLSDSSVTRDMDILRSLIRKSGLVVLGQEKQDGFPEQCIPVWMFALHS
DRHS
;
A,B
2 'polypeptide(L)' GPKRRQLTF D,E
#
# COMPACT_ATOMS: atom_id res chain seq x y z
N HIS A 20 -8.37 3.74 -9.41
CA HIS A 20 -7.75 4.25 -8.19
C HIS A 20 -7.16 3.12 -7.34
N MET A 21 -6.14 3.45 -6.54
CA MET A 21 -5.52 2.46 -5.66
C MET A 21 -6.45 2.15 -4.48
N VAL A 22 -6.40 0.89 -4.03
CA VAL A 22 -7.25 0.41 -2.96
C VAL A 22 -6.41 -0.42 -1.99
N ILE A 23 -6.69 -0.29 -0.70
CA ILE A 23 -5.98 -1.03 0.34
C ILE A 23 -6.91 -2.09 0.91
N ASN A 24 -6.49 -3.36 0.83
CA ASN A 24 -7.17 -4.47 1.46
C ASN A 24 -6.43 -4.89 2.72
N GLY A 25 -7.17 -5.49 3.65
CA GLY A 25 -6.60 -5.89 4.92
C GLY A 25 -6.29 -4.71 5.82
N GLU A 26 -7.30 -3.88 6.12
CA GLU A 26 -7.10 -2.71 6.97
C GLU A 26 -6.61 -3.11 8.35
N MET A 27 -7.05 -4.28 8.84
CA MET A 27 -6.66 -4.74 10.17
C MET A 27 -5.15 -4.64 10.35
N GLN A 28 -4.39 -5.10 9.37
CA GLN A 28 -2.93 -5.02 9.43
C GLN A 28 -2.45 -3.58 9.31
N PHE A 29 -3.17 -2.76 8.54
CA PHE A 29 -2.80 -1.36 8.36
C PHE A 29 -2.85 -0.61 9.68
N TYR A 30 -4.01 -0.64 10.35
CA TYR A 30 -4.16 0.07 11.60
C TYR A 30 -3.31 -0.52 12.72
N ALA A 31 -3.10 -1.84 12.70
CA ALA A 31 -2.32 -2.47 13.76
C ALA A 31 -0.87 -2.03 13.70
N ARG A 32 -0.29 -1.98 12.50
CA ARG A 32 1.08 -1.52 12.36
C ARG A 32 1.23 -0.06 12.81
N ALA A 33 0.18 0.75 12.61
CA ALA A 33 0.25 2.15 13.04
C ALA A 33 0.37 2.26 14.55
N LYS A 34 -0.40 1.46 15.28
CA LYS A 34 -0.31 1.48 16.74
C LYS A 34 1.06 1.01 17.21
N LEU A 35 1.61 -0.03 16.58
CA LEU A 35 2.96 -0.47 16.95
C LEU A 35 3.98 0.62 16.66
N PHE A 36 3.79 1.37 15.57
CA PHE A 36 4.69 2.48 15.26
C PHE A 36 4.62 3.57 16.33
N TYR A 37 3.41 3.99 16.70
CA TYR A 37 3.27 5.10 17.62
C TYR A 37 3.57 4.72 19.07
N GLN A 38 3.53 3.43 19.40
CA GLN A 38 3.97 2.99 20.73
C GLN A 38 5.43 3.32 20.98
N GLU A 39 6.21 3.47 19.90
CA GLU A 39 7.64 3.79 20.01
C GLU A 39 7.92 5.25 19.66
N VAL A 40 6.91 6.10 19.62
CA VAL A 40 7.07 7.52 19.30
C VAL A 40 7.04 8.31 20.60
N PRO A 41 8.07 9.09 20.91
CA PRO A 41 8.09 9.82 22.18
C PRO A 41 6.95 10.83 22.26
N ALA A 42 6.35 10.93 23.44
CA ALA A 42 5.26 11.89 23.68
C ALA A 42 5.81 13.30 23.85
N THR A 43 6.52 13.76 22.81
CA THR A 43 7.13 15.08 22.78
C THR A 43 6.80 15.76 21.46
N GLU A 44 7.01 17.07 21.41
CA GLU A 44 6.85 17.81 20.15
C GLU A 44 7.67 17.17 19.04
N GLU A 45 8.91 16.78 19.35
CA GLU A 45 9.76 16.14 18.36
C GLU A 45 9.14 14.84 17.86
N GLY A 46 8.48 14.09 18.76
CA GLY A 46 7.77 12.90 18.33
C GLY A 46 6.62 13.22 17.39
N MET A 47 5.86 14.27 17.70
CA MET A 47 4.72 14.64 16.85
C MET A 47 5.18 15.04 15.45
N MET A 48 6.33 15.71 15.37
CA MET A 48 6.81 16.28 14.11
C MET A 48 7.66 15.32 13.29
N GLY A 49 7.89 14.09 13.77
CA GLY A 49 8.68 13.12 13.06
C GLY A 49 10.09 13.60 12.78
N ASN A 50 10.74 14.13 13.82
CA ASN A 50 12.11 14.69 13.70
C ASN A 50 12.17 15.78 12.63
N PHE A 51 11.10 16.56 12.52
CA PHE A 51 11.13 17.85 11.85
C PHE A 51 10.73 18.91 12.86
N ILE A 52 11.34 18.86 14.05
CA ILE A 52 10.94 19.74 15.14
C ILE A 52 11.04 21.21 14.74
N GLU A 53 12.02 21.54 13.89
CA GLU A 53 12.20 22.92 13.47
C GLU A 53 11.03 23.45 12.65
N LEU A 54 10.17 22.57 12.14
CA LEU A 54 9.04 23.01 11.34
C LEU A 54 7.80 23.29 12.17
N SER A 55 7.83 23.02 13.46
CA SER A 55 6.64 23.26 14.28
C SER A 55 6.30 24.74 14.33
N SER A 56 7.30 25.60 14.54
CA SER A 56 7.05 27.04 14.64
C SER A 56 6.46 27.65 13.37
N PRO A 57 7.00 27.39 12.18
CA PRO A 57 6.31 27.89 10.97
C PRO A 57 4.94 27.24 10.76
N ASP A 58 4.76 25.98 11.17
CA ASP A 58 3.45 25.35 11.09
C ASP A 58 2.44 26.12 11.92
N ILE A 59 2.81 26.44 13.16
CA ILE A 59 1.91 27.18 14.05
C ILE A 59 1.55 28.53 13.45
N GLN A 60 2.56 29.23 12.92
CA GLN A 60 2.33 30.58 12.40
C GLN A 60 1.35 30.55 11.22
N ALA A 61 1.56 29.63 10.27
CA ALA A 61 0.66 29.56 9.12
C ALA A 61 -0.75 29.13 9.55
N SER A 62 -0.85 28.24 10.53
CA SER A 62 -2.18 27.78 10.95
C SER A 62 -2.95 28.90 11.64
N GLN A 63 -2.28 29.66 12.52
CA GLN A 63 -2.95 30.76 13.19
C GLN A 63 -3.53 31.77 12.19
N LYS A 64 -2.76 32.11 11.16
CA LYS A 64 -3.25 33.04 10.14
C LYS A 64 -4.42 32.43 9.38
N PHE A 65 -4.26 31.18 8.93
CA PHE A 65 -5.32 30.52 8.18
C PHE A 65 -6.61 30.44 9.00
N LEU A 66 -6.48 30.14 10.30
CA LEU A 66 -7.67 30.03 11.14
C LEU A 66 -8.37 31.38 11.31
N ARG A 67 -7.59 32.46 11.45
CA ARG A 67 -8.16 33.79 11.59
C ARG A 67 -9.02 34.18 10.40
N LYS A 68 -8.76 33.61 9.22
CA LYS A 68 -9.51 33.97 8.04
C LYS A 68 -10.91 33.38 8.01
N PHE A 69 -11.17 32.33 8.79
CA PHE A 69 -12.45 31.63 8.72
C PHE A 69 -13.18 31.60 10.06
N VAL A 70 -12.66 32.27 11.09
CA VAL A 70 -13.21 32.23 12.44
C VAL A 70 -13.41 33.66 12.92
N GLY A 71 -14.49 33.88 13.66
CA GLY A 71 -14.76 35.18 14.24
C GLY A 71 -15.25 36.19 13.22
N GLY A 72 -16.54 36.46 13.22
CA GLY A 72 -17.12 37.37 12.27
C GLY A 72 -18.55 37.00 11.91
N PRO A 73 -19.16 37.76 10.99
CA PRO A 73 -20.52 37.46 10.55
C PRO A 73 -20.53 36.36 9.49
N GLY A 74 -21.40 35.37 9.67
CA GLY A 74 -21.41 34.21 8.80
C GLY A 74 -20.20 33.32 8.91
N ARG A 75 -19.20 33.70 9.70
CA ARG A 75 -17.98 32.94 9.90
C ARG A 75 -18.16 31.93 11.03
N ALA A 76 -17.18 31.04 11.17
CA ALA A 76 -17.25 30.02 12.20
C ALA A 76 -17.14 30.64 13.58
N GLY A 77 -17.96 30.15 14.51
CA GLY A 77 -17.92 30.61 15.87
C GLY A 77 -16.63 30.25 16.57
N THR A 78 -16.50 30.74 17.81
CA THR A 78 -15.29 30.56 18.60
C THR A 78 -15.57 29.82 19.91
N ASP A 79 -16.65 29.05 19.95
CA ASP A 79 -17.10 28.45 21.21
C ASP A 79 -16.44 27.10 21.47
N CYS A 80 -16.41 26.22 20.47
CA CYS A 80 -15.96 24.85 20.68
C CYS A 80 -15.15 24.37 19.47
N ALA A 81 -14.08 23.63 19.75
CA ALA A 81 -13.24 23.05 18.71
C ALA A 81 -12.91 21.61 19.06
N LEU A 82 -12.60 20.83 18.03
CA LEU A 82 -12.19 19.43 18.18
C LEU A 82 -10.85 19.22 17.49
N ASP A 83 -9.87 18.69 18.23
CA ASP A 83 -8.53 18.42 17.72
C ASP A 83 -8.41 16.92 17.43
N CYS A 84 -8.44 16.55 16.15
CA CYS A 84 -8.47 15.15 15.75
C CYS A 84 -7.06 14.64 15.48
N GLY A 85 -6.73 13.49 16.06
CA GLY A 85 -5.36 13.00 16.02
C GLY A 85 -4.46 13.98 16.75
N SER A 86 -4.93 14.43 17.92
CA SER A 86 -4.31 15.56 18.61
C SER A 86 -2.89 15.28 19.05
N GLY A 87 -2.51 14.02 19.21
CA GLY A 87 -1.24 13.73 19.85
C GLY A 87 -1.24 14.33 21.24
N ILE A 88 -0.10 14.93 21.62
CA ILE A 88 -0.02 15.59 22.92
C ILE A 88 -0.68 16.96 22.95
N GLY A 89 -1.29 17.39 21.84
CA GLY A 89 -1.98 18.66 21.81
C GLY A 89 -1.17 19.83 21.30
N ARG A 90 -0.18 19.58 20.44
CA ARG A 90 0.63 20.66 19.90
C ARG A 90 -0.24 21.71 19.20
N VAL A 91 -1.19 21.26 18.38
CA VAL A 91 -2.07 22.20 17.69
C VAL A 91 -3.01 22.87 18.68
N SER A 92 -3.59 22.09 19.60
CA SER A 92 -4.49 22.68 20.60
C SER A 92 -3.79 23.76 21.40
N LYS A 93 -2.57 23.50 21.84
CA LYS A 93 -1.88 24.45 22.71
C LYS A 93 -1.63 25.78 22.01
N HIS A 94 -1.19 25.73 20.75
CA HIS A 94 -0.71 26.92 20.07
C HIS A 94 -1.69 27.53 19.09
N VAL A 95 -2.74 26.81 18.70
CA VAL A 95 -3.67 27.28 17.67
C VAL A 95 -5.09 27.36 18.19
N LEU A 96 -5.59 26.28 18.80
CA LEU A 96 -7.01 26.20 19.12
C LEU A 96 -7.34 26.83 20.48
N LEU A 97 -6.68 26.39 21.54
CA LEU A 97 -7.00 26.88 22.88
C LEU A 97 -6.89 28.39 23.04
N PRO A 98 -5.97 29.11 22.38
CA PRO A 98 -6.03 30.58 22.44
C PRO A 98 -7.30 31.19 21.88
N VAL A 99 -8.00 30.50 20.98
CA VAL A 99 -9.11 31.09 20.23
C VAL A 99 -10.47 30.62 20.75
N PHE A 100 -10.58 29.37 21.18
CA PHE A 100 -11.87 28.78 21.49
C PHE A 100 -12.07 28.67 23.00
N ASN A 101 -13.34 28.74 23.41
CA ASN A 101 -13.68 28.65 24.83
C ASN A 101 -13.40 27.25 25.38
N SER A 102 -13.71 26.21 24.61
CA SER A 102 -13.37 24.85 25.02
C SER A 102 -12.86 24.08 23.81
N VAL A 103 -11.90 23.19 24.05
CA VAL A 103 -11.36 22.31 23.02
C VAL A 103 -11.39 20.89 23.53
N GLU A 104 -11.73 19.95 22.65
CA GLU A 104 -11.71 18.53 22.96
C GLU A 104 -10.66 17.86 22.09
N LEU A 105 -9.85 17.00 22.70
CA LEU A 105 -8.85 16.24 21.96
C LEU A 105 -9.36 14.82 21.73
N VAL A 106 -9.05 14.27 20.57
CA VAL A 106 -9.29 12.86 20.30
C VAL A 106 -8.06 12.28 19.65
N ASP A 107 -7.59 11.15 20.19
CA ASP A 107 -6.42 10.45 19.68
C ASP A 107 -6.53 8.99 20.12
N MET A 108 -5.85 8.11 19.40
CA MET A 108 -5.92 6.69 19.72
C MET A 108 -4.91 6.26 20.77
N MET A 109 -3.85 7.04 21.01
CA MET A 109 -2.81 6.70 21.96
C MET A 109 -3.12 7.39 23.29
N GLU A 110 -3.46 6.59 24.31
CA GLU A 110 -3.75 7.18 25.60
C GLU A 110 -2.51 7.77 26.25
N SER A 111 -1.33 7.24 25.90
CA SER A 111 -0.09 7.82 26.40
C SER A 111 0.09 9.26 25.95
N PHE A 112 -0.35 9.58 24.72
CA PHE A 112 -0.27 10.96 24.25
C PHE A 112 -1.30 11.84 24.93
N LEU A 113 -2.54 11.34 25.08
CA LEU A 113 -3.56 12.11 25.77
C LEU A 113 -3.19 12.36 27.23
N LEU A 114 -2.49 11.40 27.85
CA LEU A 114 -2.06 11.57 29.23
C LEU A 114 -0.99 12.65 29.34
N GLU A 115 0.01 12.61 28.46
CA GLU A 115 1.05 13.63 28.45
C GLU A 115 0.49 15.00 28.12
N ALA A 116 -0.62 15.05 27.38
CA ALA A 116 -1.21 16.33 26.99
C ALA A 116 -1.51 17.20 28.20
N GLN A 117 -1.95 16.59 29.30
CA GLN A 117 -2.31 17.35 30.49
C GLN A 117 -1.11 18.12 31.04
N ASN A 118 0.10 17.58 30.90
CA ASN A 118 1.30 18.33 31.25
C ASN A 118 1.63 19.35 30.16
N TYR A 119 1.72 18.90 28.90
CA TYR A 119 2.23 19.73 27.83
C TYR A 119 1.37 20.98 27.61
N LEU A 120 0.06 20.86 27.78
CA LEU A 120 -0.84 21.99 27.53
C LEU A 120 -0.70 23.10 28.57
N GLN A 121 -0.20 22.79 29.76
CA GLN A 121 0.06 23.78 30.82
C GLN A 121 -1.24 24.50 31.15
N VAL A 122 -1.27 25.83 31.15
CA VAL A 122 -2.46 26.56 31.60
C VAL A 122 -3.60 26.41 30.61
N LYS A 123 -3.29 26.44 29.32
CA LYS A 123 -4.32 26.24 28.31
C LYS A 123 -5.09 24.95 28.52
N GLY A 124 -4.49 23.97 29.21
CA GLY A 124 -5.19 22.72 29.50
C GLY A 124 -6.45 22.89 30.30
N ASP A 125 -6.60 24.01 31.02
CA ASP A 125 -7.80 24.26 31.80
C ASP A 125 -9.05 24.39 30.94
N LYS A 126 -8.90 24.70 29.65
CA LYS A 126 -10.03 24.86 28.76
C LYS A 126 -10.32 23.60 27.93
N VAL A 127 -9.70 22.47 28.27
CA VAL A 127 -9.97 21.20 27.60
C VAL A 127 -11.16 20.55 28.27
N GLU A 128 -12.22 20.33 27.48
CA GLU A 128 -13.42 19.70 28.04
C GLU A 128 -13.20 18.21 28.28
N SER A 129 -12.64 17.50 27.29
CA SER A 129 -12.49 16.06 27.41
C SER A 129 -11.34 15.58 26.54
N TYR A 130 -10.71 14.49 26.98
CA TYR A 130 -9.71 13.75 26.22
C TYR A 130 -10.37 12.43 25.80
N HIS A 131 -10.75 12.33 24.54
CA HIS A 131 -11.36 11.12 24.00
C HIS A 131 -10.27 10.21 23.44
N CYS A 132 -10.25 8.95 23.90
CA CYS A 132 -9.31 7.97 23.38
C CYS A 132 -10.08 7.05 22.41
N TYR A 133 -9.94 7.33 21.11
CA TYR A 133 -10.62 6.59 20.07
C TYR A 133 -9.74 6.58 18.82
N SER A 134 -9.87 5.53 18.04
CA SER A 134 -9.41 5.59 16.66
C SER A 134 -10.43 6.37 15.85
N LEU A 135 -9.95 7.23 14.95
CA LEU A 135 -10.86 8.09 14.21
C LEU A 135 -11.84 7.27 13.36
N GLN A 136 -11.37 6.16 12.78
CA GLN A 136 -12.26 5.35 11.95
C GLN A 136 -13.34 4.63 12.77
N GLU A 137 -13.26 4.71 14.10
CA GLU A 137 -14.32 4.23 14.97
C GLU A 137 -15.03 5.35 15.71
N PHE A 138 -14.61 6.60 15.52
CA PHE A 138 -15.11 7.72 16.29
C PHE A 138 -16.23 8.43 15.55
N THR A 139 -17.24 8.84 16.30
CA THR A 139 -18.34 9.64 15.77
C THR A 139 -18.38 10.97 16.51
N PRO A 140 -17.99 12.07 15.88
CA PRO A 140 -18.08 13.38 16.55
C PRO A 140 -19.50 13.67 16.98
N PRO A 141 -19.69 14.10 18.24
CA PRO A 141 -21.04 14.43 18.72
C PRO A 141 -21.74 15.40 17.78
N PHE A 142 -23.06 15.24 17.67
CA PHE A 142 -23.83 15.91 16.63
C PHE A 142 -23.95 17.40 16.91
N ARG A 143 -23.58 18.22 15.91
CA ARG A 143 -23.78 19.67 15.94
C ARG A 143 -23.20 20.30 17.21
N ARG A 144 -21.93 19.99 17.48
CA ARG A 144 -21.29 20.42 18.71
C ARG A 144 -20.11 21.36 18.51
N TYR A 145 -19.46 21.35 17.35
CA TYR A 145 -18.20 22.04 17.17
C TYR A 145 -18.31 23.13 16.12
N ASP A 146 -17.66 24.27 16.41
CA ASP A 146 -17.51 25.33 15.41
C ASP A 146 -16.39 25.02 14.44
N VAL A 147 -15.32 24.38 14.93
CA VAL A 147 -14.17 24.04 14.10
C VAL A 147 -13.73 22.63 14.47
N ILE A 148 -13.48 21.81 13.45
CA ILE A 148 -12.88 20.49 13.62
C ILE A 148 -11.54 20.50 12.90
N TRP A 149 -10.46 20.33 13.65
CA TRP A 149 -9.11 20.41 13.12
C TRP A 149 -8.56 19.01 12.92
N ILE A 150 -8.14 18.70 11.69
CA ILE A 150 -7.64 17.39 11.32
C ILE A 150 -6.27 17.60 10.70
N GLN A 151 -5.21 17.40 11.47
CA GLN A 151 -3.87 17.71 11.03
C GLN A 151 -2.98 16.48 11.12
N TRP A 152 -2.36 16.12 9.99
CA TRP A 152 -1.35 15.05 9.90
C TRP A 152 -1.84 13.74 10.50
N VAL A 153 -3.10 13.40 10.22
CA VAL A 153 -3.65 12.12 10.67
C VAL A 153 -4.50 11.51 9.56
N SER A 154 -4.97 12.35 8.63
CA SER A 154 -5.84 11.83 7.58
C SER A 154 -5.14 10.78 6.73
N GLY A 155 -3.82 10.86 6.64
CA GLY A 155 -3.03 9.83 5.96
C GLY A 155 -3.03 8.48 6.65
N HIS A 156 -3.44 8.42 7.91
CA HIS A 156 -3.50 7.16 8.64
C HIS A 156 -4.84 6.46 8.47
N LEU A 157 -5.76 7.04 7.70
CA LEU A 157 -7.04 6.41 7.38
C LEU A 157 -7.05 5.99 5.91
N THR A 158 -7.59 4.81 5.64
CA THR A 158 -7.83 4.40 4.27
C THR A 158 -8.81 5.34 3.59
N ASP A 159 -8.75 5.38 2.25
CA ASP A 159 -9.67 6.22 1.49
C ASP A 159 -11.12 5.98 1.92
N LYS A 160 -11.49 4.72 2.13
CA LYS A 160 -12.84 4.40 2.55
C LYS A 160 -13.14 4.95 3.94
N ASP A 161 -12.19 4.81 4.87
CA ASP A 161 -12.43 5.30 6.23
C ASP A 161 -12.33 6.82 6.32
N LEU A 162 -11.48 7.44 5.50
CA LEU A 162 -11.40 8.90 5.51
C LEU A 162 -12.67 9.54 5.00
N LEU A 163 -13.22 9.00 3.89
CA LEU A 163 -14.50 9.48 3.37
C LEU A 163 -15.58 9.42 4.45
N ALA A 164 -15.70 8.27 5.11
CA ALA A 164 -16.72 8.12 6.14
C ALA A 164 -16.50 9.09 7.29
N PHE A 165 -15.25 9.25 7.74
CA PHE A 165 -14.97 10.10 8.89
C PHE A 165 -15.27 11.57 8.57
N LEU A 166 -14.91 12.02 7.37
CA LEU A 166 -15.23 13.39 6.98
C LEU A 166 -16.73 13.63 7.00
N SER A 167 -17.52 12.65 6.53
CA SER A 167 -18.97 12.79 6.56
C SER A 167 -19.48 12.92 7.99
N ARG A 168 -18.94 12.11 8.92
CA ARG A 168 -19.36 12.23 10.31
C ARG A 168 -18.90 13.54 10.93
N CYS A 169 -17.74 14.05 10.51
CA CYS A 169 -17.29 15.35 11.01
C CYS A 169 -18.27 16.45 10.59
N ARG A 170 -18.70 16.42 9.33
CA ARG A 170 -19.65 17.41 8.85
C ARG A 170 -20.93 17.41 9.68
N ASP A 171 -21.38 16.23 10.12
CA ASP A 171 -22.54 16.17 11.00
C ASP A 171 -22.24 16.69 12.39
N GLY A 172 -20.98 16.71 12.80
CA GLY A 172 -20.61 17.25 14.09
C GLY A 172 -20.47 18.76 14.13
N LEU A 173 -20.68 19.43 13.02
CA LEU A 173 -20.50 20.88 12.93
C LEU A 173 -21.77 21.61 13.35
N LYS A 174 -21.58 22.74 14.01
CA LYS A 174 -22.68 23.66 14.28
C LYS A 174 -22.95 24.50 13.03
N GLU A 175 -23.95 25.37 13.12
CA GLU A 175 -24.19 26.31 12.04
C GLU A 175 -22.97 27.19 11.83
N ASN A 176 -22.64 27.42 10.56
CA ASN A 176 -21.46 28.11 10.05
C ASN A 176 -20.15 27.42 10.45
N GLY A 177 -20.20 26.24 11.06
CA GLY A 177 -18.99 25.54 11.42
C GLY A 177 -18.21 25.09 10.20
N ILE A 178 -16.90 24.87 10.39
CA ILE A 178 -16.01 24.47 9.32
C ILE A 178 -15.11 23.35 9.81
N ILE A 179 -14.52 22.63 8.84
CA ILE A 179 -13.49 21.64 9.08
C ILE A 179 -12.19 22.19 8.51
N ILE A 180 -11.13 22.18 9.31
CA ILE A 180 -9.80 22.55 8.84
C ILE A 180 -9.00 21.26 8.69
N LEU A 181 -8.52 21.02 7.49
CA LEU A 181 -7.72 19.84 7.18
C LEU A 181 -6.34 20.32 6.77
N LYS A 182 -5.31 19.81 7.43
CA LYS A 182 -3.92 20.16 7.12
C LYS A 182 -3.12 18.88 7.05
N ASP A 183 -2.44 18.67 5.93
CA ASP A 183 -1.74 17.39 5.76
C ASP A 183 -0.78 17.51 4.58
N ASN A 184 0.07 16.48 4.47
CA ASN A 184 0.93 16.34 3.31
C ASN A 184 0.10 15.99 2.08
N VAL A 185 0.46 16.60 0.94
CA VAL A 185 -0.24 16.37 -0.32
C VAL A 185 0.82 16.24 -1.39
N ALA A 186 0.92 15.07 -2.00
CA ALA A 186 1.92 14.84 -3.05
C ALA A 186 1.56 15.64 -4.29
N ARG A 187 2.59 16.12 -4.99
CA ARG A 187 2.38 16.84 -6.24
C ARG A 187 1.84 15.91 -7.32
N GLU A 188 2.28 14.66 -7.33
CA GLU A 188 1.77 13.68 -8.27
C GLU A 188 2.07 12.28 -7.75
N GLY A 189 1.06 11.40 -7.79
CA GLY A 189 1.25 10.02 -7.39
C GLY A 189 1.27 9.83 -5.88
N CYS A 190 0.55 8.81 -5.41
CA CYS A 190 0.42 8.55 -3.99
C CYS A 190 1.57 7.68 -3.48
N ILE A 191 1.81 7.79 -2.17
CA ILE A 191 2.89 7.07 -1.51
C ILE A 191 2.27 6.34 -0.31
N LEU A 192 2.46 5.04 -0.26
CA LEU A 192 2.01 4.23 0.87
C LEU A 192 3.24 3.84 1.68
N ASP A 193 3.32 4.38 2.90
CA ASP A 193 4.46 4.12 3.78
C ASP A 193 4.04 3.06 4.78
N LEU A 194 4.58 1.86 4.62
CA LEU A 194 4.24 0.75 5.51
C LEU A 194 4.99 0.80 6.84
N SER A 195 6.03 1.63 6.95
CA SER A 195 6.74 1.75 8.22
C SER A 195 5.84 2.36 9.29
N ASP A 196 5.03 3.36 8.93
CA ASP A 196 4.12 4.00 9.86
C ASP A 196 2.65 3.87 9.45
N SER A 197 2.36 3.09 8.40
CA SER A 197 1.01 2.84 7.92
C SER A 197 0.29 4.16 7.59
N SER A 198 0.85 4.89 6.64
CA SER A 198 0.26 6.13 6.18
C SER A 198 0.26 6.18 4.66
N VAL A 199 -0.76 6.82 4.10
CA VAL A 199 -0.84 7.08 2.67
C VAL A 199 -0.65 8.57 2.46
N THR A 200 0.33 8.93 1.64
CA THR A 200 0.50 10.30 1.19
C THR A 200 -0.28 10.43 -0.11
N ARG A 201 -1.48 11.03 -0.03
CA ARG A 201 -2.30 11.22 -1.21
C ARG A 201 -1.81 12.42 -2.00
N ASP A 202 -2.21 12.49 -3.26
CA ASP A 202 -1.91 13.66 -4.05
C ASP A 202 -3.16 14.51 -4.19
N MET A 203 -3.02 15.65 -4.87
CA MET A 203 -4.04 16.68 -4.83
C MET A 203 -5.37 16.20 -5.39
N ASP A 204 -5.33 15.45 -6.51
CA ASP A 204 -6.56 15.09 -7.20
C ASP A 204 -7.37 14.08 -6.40
N ILE A 205 -6.71 13.03 -5.89
CA ILE A 205 -7.45 12.00 -5.16
C ILE A 205 -7.97 12.54 -3.83
N LEU A 206 -7.22 13.44 -3.18
CA LEU A 206 -7.70 14.04 -1.93
C LEU A 206 -8.92 14.92 -2.18
N ARG A 207 -8.91 15.70 -3.25
CA ARG A 207 -10.08 16.51 -3.60
C ARG A 207 -11.28 15.63 -3.90
N SER A 208 -11.06 14.50 -4.56
CA SER A 208 -12.15 13.59 -4.87
C SER A 208 -12.77 13.03 -3.59
N LEU A 209 -11.93 12.66 -2.62
CA LEU A 209 -12.46 12.13 -1.36
C LEU A 209 -13.23 13.20 -0.60
N ILE A 210 -12.74 14.43 -0.61
CA ILE A 210 -13.45 15.53 0.04
C ILE A 210 -14.81 15.74 -0.63
N ARG A 211 -14.85 15.66 -1.96
CA ARG A 211 -16.11 15.88 -2.67
C ARG A 211 -17.12 14.79 -2.34
N LYS A 212 -16.72 13.52 -2.41
CA LYS A 212 -17.66 12.43 -2.15
C LYS A 212 -18.26 12.51 -0.76
N SER A 213 -17.52 13.07 0.21
CA SER A 213 -18.02 13.17 1.57
C SER A 213 -19.11 14.21 1.73
N GLY A 214 -19.38 15.01 0.70
CA GLY A 214 -20.38 16.06 0.80
C GLY A 214 -19.87 17.36 1.37
N LEU A 215 -18.58 17.65 1.20
CA LEU A 215 -17.96 18.86 1.70
C LEU A 215 -17.49 19.73 0.54
N VAL A 216 -17.46 21.04 0.77
CA VAL A 216 -17.05 22.02 -0.22
C VAL A 216 -15.80 22.74 0.31
N VAL A 217 -14.89 23.06 -0.61
CA VAL A 217 -13.66 23.76 -0.25
C VAL A 217 -13.95 25.26 -0.15
N LEU A 218 -13.84 25.81 1.06
CA LEU A 218 -13.93 27.25 1.26
C LEU A 218 -12.60 27.93 0.97
N GLY A 219 -11.53 27.45 1.60
CA GLY A 219 -10.22 28.06 1.43
C GLY A 219 -9.16 26.99 1.24
N GLN A 220 -8.03 27.43 0.71
CA GLN A 220 -6.98 26.49 0.31
C GLN A 220 -5.67 27.26 0.26
N GLU A 221 -4.67 26.82 1.03
CA GLU A 221 -3.40 27.49 1.10
C GLU A 221 -2.29 26.47 1.26
N LYS A 222 -1.20 26.66 0.53
CA LYS A 222 -0.02 25.84 0.69
C LYS A 222 0.84 26.41 1.81
N GLN A 223 1.38 25.51 2.64
CA GLN A 223 2.30 25.91 3.69
C GLN A 223 3.61 26.41 3.08
N ASP A 224 3.98 27.63 3.40
CA ASP A 224 5.24 28.18 2.91
C ASP A 224 6.29 28.13 4.01
N GLY A 225 7.56 28.26 3.59
CA GLY A 225 8.66 28.18 4.51
C GLY A 225 9.15 26.79 4.83
N PHE A 226 8.56 25.76 4.23
CA PHE A 226 9.02 24.40 4.46
C PHE A 226 10.07 24.02 3.41
N PRO A 227 11.03 23.16 3.78
CA PRO A 227 12.08 22.80 2.83
C PRO A 227 11.51 22.10 1.61
N GLU A 228 12.13 22.36 0.45
CA GLU A 228 11.64 21.77 -0.78
C GLU A 228 11.77 20.26 -0.79
N GLN A 229 12.68 19.71 0.01
CA GLN A 229 12.82 18.26 0.14
C GLN A 229 11.63 17.61 0.84
N CYS A 230 10.74 18.40 1.44
CA CYS A 230 9.55 17.85 2.08
C CYS A 230 8.38 17.80 1.11
N ILE A 231 7.50 16.83 1.34
CA ILE A 231 6.23 16.82 0.61
C ILE A 231 5.47 18.11 0.89
N PRO A 232 4.82 18.73 -0.08
CA PRO A 232 4.05 19.94 0.20
C PRO A 232 2.98 19.70 1.27
N VAL A 233 2.71 20.75 2.04
CA VAL A 233 1.68 20.74 3.07
C VAL A 233 0.62 21.75 2.69
N TRP A 234 -0.65 21.35 2.79
CA TRP A 234 -1.77 22.19 2.41
C TRP A 234 -2.76 22.31 3.54
N MET A 235 -3.43 23.45 3.59
CA MET A 235 -4.53 23.69 4.51
C MET A 235 -5.81 23.85 3.71
N PHE A 236 -6.89 23.24 4.20
CA PHE A 236 -8.20 23.33 3.58
C PHE A 236 -9.21 23.75 4.63
N ALA A 237 -10.05 24.72 4.28
CA ALA A 237 -11.24 25.04 5.05
C ALA A 237 -12.43 24.42 4.33
N LEU A 238 -13.16 23.56 5.03
CA LEU A 238 -14.24 22.79 4.43
C LEU A 238 -15.51 22.90 5.25
N HIS A 239 -16.64 22.88 4.58
CA HIS A 239 -17.93 22.77 5.27
C HIS A 239 -18.98 22.10 4.37
N HIS B 20 0.50 7.10 -10.07
CA HIS B 20 0.50 5.73 -9.58
C HIS B 20 0.96 5.68 -8.11
N MET B 21 1.16 4.46 -7.59
CA MET B 21 1.50 4.22 -6.20
C MET B 21 2.99 3.92 -6.04
N VAL B 22 3.58 4.46 -4.99
CA VAL B 22 4.93 4.11 -4.56
C VAL B 22 4.84 3.53 -3.16
N ILE B 23 5.57 2.43 -2.92
CA ILE B 23 5.59 1.79 -1.62
C ILE B 23 6.91 2.13 -0.94
N ASN B 24 6.82 2.79 0.21
CA ASN B 24 7.94 2.96 1.12
C ASN B 24 7.79 1.99 2.29
N GLY B 25 8.89 1.76 2.99
CA GLY B 25 8.90 0.77 4.05
C GLY B 25 8.88 -0.64 3.53
N GLU B 26 9.68 -0.94 2.51
CA GLU B 26 9.67 -2.25 1.87
C GLU B 26 10.02 -3.37 2.85
N MET B 27 10.81 -3.07 3.86
CA MET B 27 11.16 -4.07 4.87
C MET B 27 9.90 -4.66 5.51
N GLN B 28 8.95 -3.81 5.90
CA GLN B 28 7.69 -4.29 6.47
C GLN B 28 6.92 -5.14 5.46
N PHE B 29 6.93 -4.72 4.20
CA PHE B 29 6.21 -5.44 3.14
C PHE B 29 6.69 -6.88 3.03
N TYR B 30 8.00 -7.08 2.88
CA TYR B 30 8.52 -8.42 2.68
C TYR B 30 8.45 -9.25 3.97
N ALA B 31 8.63 -8.62 5.13
CA ALA B 31 8.57 -9.37 6.38
C ALA B 31 7.18 -9.98 6.60
N ARG B 32 6.14 -9.20 6.32
CA ARG B 32 4.78 -9.71 6.48
C ARG B 32 4.51 -10.89 5.56
N ALA B 33 5.04 -10.85 4.34
CA ALA B 33 4.82 -11.94 3.40
C ALA B 33 5.42 -13.25 3.91
N LYS B 34 6.60 -13.19 4.53
CA LYS B 34 7.18 -14.39 5.13
C LYS B 34 6.32 -14.91 6.27
N LEU B 35 5.76 -14.02 7.08
CA LEU B 35 4.85 -14.45 8.14
C LEU B 35 3.62 -15.13 7.55
N PHE B 36 3.11 -14.61 6.43
CA PHE B 36 1.93 -15.21 5.79
C PHE B 36 2.23 -16.62 5.29
N TYR B 37 3.34 -16.80 4.56
CA TYR B 37 3.61 -18.10 3.95
C TYR B 37 4.10 -19.13 4.96
N GLN B 38 4.56 -18.70 6.13
CA GLN B 38 4.87 -19.66 7.19
C GLN B 38 3.65 -20.48 7.62
N GLU B 39 2.44 -19.98 7.36
CA GLU B 39 1.23 -20.71 7.69
C GLU B 39 0.52 -21.32 6.48
N VAL B 40 1.11 -21.20 5.29
CA VAL B 40 0.53 -21.85 4.11
C VAL B 40 0.99 -23.29 4.06
N PRO B 41 0.08 -24.26 3.94
CA PRO B 41 0.51 -25.66 3.86
C PRO B 41 1.26 -25.96 2.57
N ALA B 42 2.28 -26.80 2.68
CA ALA B 42 3.12 -27.17 1.54
C ALA B 42 2.41 -28.19 0.64
N THR B 43 1.28 -27.76 0.09
CA THR B 43 0.44 -28.61 -0.75
C THR B 43 -0.01 -27.82 -1.97
N GLU B 44 -0.56 -28.55 -2.95
CA GLU B 44 -1.14 -27.88 -4.11
C GLU B 44 -2.24 -26.93 -3.70
N GLU B 45 -3.08 -27.34 -2.76
CA GLU B 45 -4.14 -26.46 -2.26
C GLU B 45 -3.55 -25.21 -1.63
N GLY B 46 -2.45 -25.34 -0.87
CA GLY B 46 -1.81 -24.18 -0.31
C GLY B 46 -1.24 -23.26 -1.37
N MET B 47 -0.65 -23.83 -2.43
CA MET B 47 -0.11 -23.02 -3.52
C MET B 47 -1.20 -22.23 -4.22
N MET B 48 -2.40 -22.81 -4.31
CA MET B 48 -3.53 -22.19 -5.01
C MET B 48 -4.33 -21.27 -4.11
N GLY B 49 -3.86 -20.96 -2.91
CA GLY B 49 -4.65 -20.16 -1.97
C GLY B 49 -6.02 -20.74 -1.72
N ASN B 50 -6.11 -22.07 -1.65
CA ASN B 50 -7.32 -22.89 -1.44
C ASN B 50 -8.15 -23.05 -2.71
N PHE B 51 -7.81 -22.37 -3.81
CA PHE B 51 -8.54 -22.54 -5.07
C PHE B 51 -8.04 -23.75 -5.86
N ILE B 52 -8.07 -24.92 -5.21
CA ILE B 52 -7.50 -26.12 -5.81
C ILE B 52 -8.25 -26.53 -7.07
N GLU B 53 -9.54 -26.20 -7.15
CA GLU B 53 -10.31 -26.55 -8.34
C GLU B 53 -9.82 -25.83 -9.60
N LEU B 54 -9.05 -24.75 -9.44
CA LEU B 54 -8.54 -23.99 -10.57
C LEU B 54 -7.15 -24.42 -11.01
N SER B 55 -6.54 -25.40 -10.35
CA SER B 55 -5.20 -25.82 -10.72
C SER B 55 -5.18 -26.50 -12.07
N SER B 56 -6.14 -27.39 -12.33
CA SER B 56 -6.19 -28.09 -13.61
C SER B 56 -6.39 -27.15 -14.80
N PRO B 57 -7.37 -26.24 -14.82
CA PRO B 57 -7.46 -25.34 -15.97
C PRO B 57 -6.29 -24.38 -16.07
N ASP B 58 -5.66 -24.03 -14.94
CA ASP B 58 -4.43 -23.25 -14.98
C ASP B 58 -3.34 -23.99 -15.74
N ILE B 59 -3.13 -25.26 -15.38
CA ILE B 59 -2.05 -26.05 -15.96
C ILE B 59 -2.27 -26.26 -17.46
N GLN B 60 -3.52 -26.55 -17.85
CA GLN B 60 -3.79 -26.81 -19.27
C GLN B 60 -3.53 -25.58 -20.12
N ALA B 61 -3.95 -24.41 -19.65
CA ALA B 61 -3.70 -23.18 -20.40
C ALA B 61 -2.22 -22.85 -20.46
N SER B 62 -1.50 -23.06 -19.35
CA SER B 62 -0.06 -22.80 -19.33
C SER B 62 0.68 -23.72 -20.29
N GLN B 63 0.34 -25.01 -20.30
CA GLN B 63 0.96 -25.95 -21.24
C GLN B 63 0.76 -25.50 -22.68
N LYS B 64 -0.47 -25.12 -23.03
CA LYS B 64 -0.75 -24.70 -24.40
C LYS B 64 -0.02 -23.40 -24.74
N PHE B 65 0.05 -22.48 -23.78
CA PHE B 65 0.72 -21.21 -24.02
C PHE B 65 2.21 -21.41 -24.23
N LEU B 66 2.83 -22.27 -23.42
CA LEU B 66 4.26 -22.56 -23.57
C LEU B 66 4.57 -23.15 -24.94
N ARG B 67 3.68 -24.01 -25.47
CA ARG B 67 3.96 -24.67 -26.74
C ARG B 67 4.07 -23.67 -27.89
N LYS B 68 3.42 -22.51 -27.77
CA LYS B 68 3.45 -21.52 -28.84
C LYS B 68 4.81 -20.85 -28.98
N PHE B 69 5.68 -20.91 -27.97
CA PHE B 69 6.90 -20.13 -27.98
C PHE B 69 8.18 -20.95 -27.84
N VAL B 70 8.08 -22.27 -27.77
CA VAL B 70 9.22 -23.14 -27.49
C VAL B 70 9.38 -24.17 -28.60
N GLY B 71 10.63 -24.49 -28.93
CA GLY B 71 10.92 -25.54 -29.89
C GLY B 71 10.99 -25.04 -31.32
N GLY B 72 12.06 -25.40 -32.03
CA GLY B 72 12.21 -25.04 -33.42
C GLY B 72 13.07 -23.81 -33.60
N PRO B 73 13.44 -23.52 -34.85
CA PRO B 73 14.35 -22.39 -35.12
C PRO B 73 13.75 -21.06 -34.69
N GLY B 74 14.60 -20.20 -34.13
CA GLY B 74 14.21 -18.88 -33.72
C GLY B 74 13.40 -18.81 -32.43
N ARG B 75 13.01 -19.93 -31.86
CA ARG B 75 12.19 -19.98 -30.67
C ARG B 75 13.03 -20.45 -29.48
N ALA B 76 12.46 -20.29 -28.29
CA ALA B 76 13.18 -20.67 -27.08
C ALA B 76 13.54 -22.14 -27.11
N GLY B 77 14.73 -22.47 -26.63
CA GLY B 77 15.17 -23.85 -26.54
C GLY B 77 14.44 -24.61 -25.44
N THR B 78 14.79 -25.88 -25.33
CA THR B 78 14.16 -26.79 -24.36
C THR B 78 15.18 -27.34 -23.37
N ASP B 79 16.29 -26.65 -23.16
CA ASP B 79 17.34 -27.23 -22.34
C ASP B 79 17.22 -26.86 -20.86
N CYS B 80 16.88 -25.61 -20.54
CA CYS B 80 16.98 -25.14 -19.16
C CYS B 80 15.88 -24.12 -18.87
N ALA B 81 15.20 -24.30 -17.74
CA ALA B 81 14.14 -23.40 -17.32
C ALA B 81 14.29 -23.07 -15.84
N LEU B 82 13.84 -21.86 -15.47
CA LEU B 82 13.87 -21.39 -14.09
C LEU B 82 12.45 -21.11 -13.63
N ASP B 83 12.09 -21.65 -12.47
CA ASP B 83 10.74 -21.55 -11.91
C ASP B 83 10.81 -20.60 -10.70
N CYS B 84 10.33 -19.37 -10.90
CA CYS B 84 10.45 -18.31 -9.89
C CYS B 84 9.22 -18.27 -9.00
N GLY B 85 9.44 -18.12 -7.70
CA GLY B 85 8.37 -18.30 -6.73
C GLY B 85 7.73 -19.66 -6.94
N SER B 86 8.57 -20.69 -7.01
CA SER B 86 8.11 -22.02 -7.38
C SER B 86 7.15 -22.63 -6.36
N GLY B 87 7.22 -22.21 -5.11
CA GLY B 87 6.52 -22.98 -4.08
C GLY B 87 7.06 -24.40 -4.05
N ILE B 88 6.15 -25.37 -3.94
CA ILE B 88 6.55 -26.78 -3.94
C ILE B 88 6.79 -27.33 -5.33
N GLY B 89 6.58 -26.53 -6.38
CA GLY B 89 6.87 -26.96 -7.72
C GLY B 89 5.69 -27.41 -8.55
N ARG B 90 4.48 -26.91 -8.25
CA ARG B 90 3.30 -27.25 -9.04
C ARG B 90 3.52 -27.01 -10.54
N VAL B 91 4.06 -25.83 -10.89
CA VAL B 91 4.29 -25.55 -12.30
C VAL B 91 5.43 -26.39 -12.85
N SER B 92 6.48 -26.60 -12.05
CA SER B 92 7.58 -27.45 -12.49
C SER B 92 7.11 -28.86 -12.80
N LYS B 93 6.30 -29.44 -11.92
CA LYS B 93 5.85 -30.82 -12.11
C LYS B 93 5.01 -30.97 -13.37
N HIS B 94 4.06 -30.07 -13.60
CA HIS B 94 3.07 -30.26 -14.64
C HIS B 94 3.35 -29.51 -15.94
N VAL B 95 4.21 -28.49 -15.92
CA VAL B 95 4.42 -27.64 -17.09
C VAL B 95 5.87 -27.69 -17.57
N LEU B 96 6.83 -27.51 -16.67
CA LEU B 96 8.22 -27.33 -17.09
C LEU B 96 8.97 -28.65 -17.24
N LEU B 97 8.94 -29.51 -16.22
CA LEU B 97 9.71 -30.76 -16.28
C LEU B 97 9.33 -31.68 -17.45
N PRO B 98 8.09 -31.75 -17.92
CA PRO B 98 7.82 -32.55 -19.13
C PRO B 98 8.47 -32.01 -20.40
N VAL B 99 8.98 -30.77 -20.39
CA VAL B 99 9.44 -30.10 -21.60
C VAL B 99 10.94 -29.84 -21.59
N PHE B 100 11.50 -29.47 -20.45
CA PHE B 100 12.89 -29.06 -20.39
C PHE B 100 13.78 -30.16 -19.81
N ASN B 101 15.05 -30.17 -20.26
CA ASN B 101 16.00 -31.16 -19.79
C ASN B 101 16.38 -30.93 -18.33
N SER B 102 16.46 -29.67 -17.91
CA SER B 102 16.73 -29.34 -16.52
C SER B 102 15.89 -28.13 -16.11
N VAL B 103 15.49 -28.13 -14.83
CA VAL B 103 14.66 -27.08 -14.26
C VAL B 103 15.28 -26.67 -12.93
N GLU B 104 15.29 -25.36 -12.67
CA GLU B 104 15.74 -24.83 -11.38
C GLU B 104 14.58 -24.12 -10.71
N LEU B 105 14.43 -24.36 -9.42
CA LEU B 105 13.39 -23.75 -8.60
C LEU B 105 14.02 -22.70 -7.70
N VAL B 106 13.37 -21.53 -7.60
CA VAL B 106 13.78 -20.52 -6.63
C VAL B 106 12.54 -20.09 -5.84
N ASP B 107 12.68 -20.04 -4.53
CA ASP B 107 11.59 -19.65 -3.64
C ASP B 107 12.19 -19.27 -2.29
N MET B 108 11.58 -18.28 -1.63
CA MET B 108 12.12 -17.81 -0.37
C MET B 108 11.83 -18.74 0.81
N MET B 109 10.94 -19.73 0.64
CA MET B 109 10.49 -20.57 1.75
C MET B 109 11.23 -21.91 1.71
N GLU B 110 12.11 -22.12 2.69
CA GLU B 110 12.83 -23.38 2.81
C GLU B 110 11.86 -24.56 2.93
N SER B 111 10.76 -24.37 3.65
CA SER B 111 9.79 -25.44 3.84
C SER B 111 9.20 -25.91 2.51
N PHE B 112 8.91 -24.97 1.60
CA PHE B 112 8.34 -25.37 0.31
C PHE B 112 9.35 -26.11 -0.54
N LEU B 113 10.61 -25.66 -0.52
CA LEU B 113 11.64 -26.31 -1.34
C LEU B 113 12.01 -27.68 -0.78
N LEU B 114 11.98 -27.83 0.55
CA LEU B 114 12.14 -29.17 1.12
C LEU B 114 11.03 -30.09 0.63
N GLU B 115 9.78 -29.62 0.66
CA GLU B 115 8.68 -30.44 0.19
C GLU B 115 8.75 -30.69 -1.31
N ALA B 116 9.31 -29.73 -2.06
CA ALA B 116 9.43 -29.90 -3.51
C ALA B 116 10.22 -31.16 -3.85
N GLN B 117 11.27 -31.46 -3.09
CA GLN B 117 12.08 -32.64 -3.35
C GLN B 117 11.24 -33.91 -3.27
N ASN B 118 10.30 -33.97 -2.33
CA ASN B 118 9.39 -35.11 -2.27
C ASN B 118 8.28 -34.98 -3.31
N TYR B 119 7.78 -33.76 -3.54
CA TYR B 119 6.66 -33.56 -4.44
C TYR B 119 7.05 -33.85 -5.89
N LEU B 120 8.28 -33.47 -6.29
CA LEU B 120 8.78 -33.74 -7.63
C LEU B 120 9.51 -35.08 -7.67
N GLN B 121 8.76 -36.15 -7.37
CA GLN B 121 9.41 -37.45 -7.23
C GLN B 121 9.77 -38.05 -8.57
N VAL B 122 8.80 -38.17 -9.48
CA VAL B 122 9.01 -38.95 -10.69
C VAL B 122 10.03 -38.30 -11.61
N LYS B 123 10.12 -36.97 -11.63
CA LYS B 123 11.03 -36.27 -12.52
C LYS B 123 12.06 -35.44 -11.76
N GLY B 124 12.29 -35.75 -10.48
CA GLY B 124 13.23 -34.98 -9.68
C GLY B 124 14.67 -35.09 -10.15
N ASP B 125 14.99 -36.12 -10.93
CA ASP B 125 16.35 -36.30 -11.44
C ASP B 125 16.76 -35.17 -12.38
N LYS B 126 15.79 -34.48 -12.98
CA LYS B 126 16.06 -33.38 -13.91
C LYS B 126 16.04 -32.02 -13.22
N VAL B 127 15.87 -31.96 -11.91
CA VAL B 127 15.87 -30.70 -11.17
C VAL B 127 17.32 -30.40 -10.77
N GLU B 128 17.87 -29.33 -11.31
CA GLU B 128 19.29 -29.05 -11.10
C GLU B 128 19.54 -28.51 -9.70
N SER B 129 18.73 -27.55 -9.25
CA SER B 129 18.98 -26.90 -7.97
C SER B 129 17.66 -26.43 -7.37
N TYR B 130 17.67 -26.29 -6.05
CA TYR B 130 16.60 -25.66 -5.28
C TYR B 130 17.21 -24.43 -4.62
N HIS B 131 16.95 -23.25 -5.17
CA HIS B 131 17.53 -22.01 -4.67
C HIS B 131 16.59 -21.37 -3.67
N CYS B 132 17.02 -21.24 -2.41
CA CYS B 132 16.20 -20.63 -1.39
C CYS B 132 16.60 -19.16 -1.25
N TYR B 133 15.99 -18.31 -2.07
CA TYR B 133 16.29 -16.88 -2.04
C TYR B 133 15.03 -16.09 -2.36
N SER B 134 15.00 -14.87 -1.87
CA SER B 134 13.96 -13.93 -2.26
C SER B 134 14.30 -13.35 -3.62
N LEU B 135 13.29 -13.24 -4.49
CA LEU B 135 13.52 -12.81 -5.86
C LEU B 135 14.17 -11.44 -5.92
N GLN B 136 13.77 -10.52 -5.02
CA GLN B 136 14.36 -9.19 -5.05
C GLN B 136 15.82 -9.18 -4.62
N GLU B 137 16.35 -10.31 -4.15
CA GLU B 137 17.75 -10.45 -3.80
C GLU B 137 18.47 -11.44 -4.71
N PHE B 138 17.79 -11.94 -5.74
CA PHE B 138 18.31 -13.03 -6.56
C PHE B 138 18.82 -12.49 -7.90
N THR B 139 20.02 -12.91 -8.27
CA THR B 139 20.61 -12.59 -9.56
C THR B 139 20.67 -13.86 -10.40
N PRO B 140 19.81 -14.03 -11.39
CA PRO B 140 19.90 -15.22 -12.25
C PRO B 140 21.22 -15.23 -12.99
N PRO B 141 21.84 -16.41 -13.15
CA PRO B 141 23.10 -16.48 -13.92
C PRO B 141 22.92 -15.98 -15.34
N PHE B 142 23.99 -15.36 -15.84
CA PHE B 142 24.00 -14.69 -17.15
C PHE B 142 23.76 -15.70 -18.28
N ARG B 143 22.73 -15.43 -19.09
CA ARG B 143 22.44 -16.16 -20.33
C ARG B 143 22.42 -17.67 -20.11
N ARG B 144 21.64 -18.11 -19.12
CA ARG B 144 21.59 -19.51 -18.74
C ARG B 144 20.27 -20.20 -19.10
N TYR B 145 19.17 -19.47 -19.21
CA TYR B 145 17.84 -20.06 -19.27
C TYR B 145 17.18 -19.86 -20.62
N ASP B 146 16.49 -20.90 -21.09
CA ASP B 146 15.63 -20.77 -22.26
C ASP B 146 14.29 -20.16 -21.90
N VAL B 147 13.75 -20.50 -20.73
CA VAL B 147 12.46 -19.98 -20.27
C VAL B 147 12.59 -19.66 -18.79
N ILE B 148 12.15 -18.47 -18.39
CA ILE B 148 12.02 -18.09 -17.00
C ILE B 148 10.54 -17.91 -16.70
N TRP B 149 10.02 -18.72 -15.79
CA TRP B 149 8.60 -18.76 -15.48
C TRP B 149 8.33 -18.04 -14.16
N ILE B 150 7.43 -17.06 -14.19
CA ILE B 150 7.14 -16.22 -13.04
C ILE B 150 5.63 -16.22 -12.86
N GLN B 151 5.12 -17.09 -11.98
CA GLN B 151 3.68 -17.25 -11.82
C GLN B 151 3.26 -16.98 -10.39
N TRP B 152 2.32 -16.05 -10.22
CA TRP B 152 1.67 -15.75 -8.94
C TRP B 152 2.68 -15.35 -7.86
N VAL B 153 3.78 -14.73 -8.26
CA VAL B 153 4.73 -14.18 -7.30
C VAL B 153 5.10 -12.73 -7.59
N SER B 154 4.91 -12.24 -8.82
CA SER B 154 5.26 -10.86 -9.13
C SER B 154 4.50 -9.87 -8.26
N GLY B 155 3.28 -10.24 -7.83
CA GLY B 155 2.53 -9.39 -6.93
C GLY B 155 3.16 -9.21 -5.56
N HIS B 156 4.08 -10.09 -5.19
CA HIS B 156 4.78 -9.98 -3.91
C HIS B 156 6.03 -9.09 -3.98
N LEU B 157 6.37 -8.55 -5.14
CA LEU B 157 7.45 -7.60 -5.25
C LEU B 157 6.89 -6.19 -5.46
N THR B 158 7.55 -5.20 -4.85
CA THR B 158 7.22 -3.81 -5.12
C THR B 158 7.47 -3.49 -6.59
N ASP B 159 6.90 -2.37 -7.05
CA ASP B 159 7.12 -1.95 -8.44
C ASP B 159 8.60 -1.79 -8.74
N LYS B 160 9.33 -1.11 -7.85
CA LYS B 160 10.77 -0.91 -8.04
C LYS B 160 11.50 -2.25 -8.12
N ASP B 161 11.17 -3.18 -7.21
CA ASP B 161 11.88 -4.45 -7.16
C ASP B 161 11.48 -5.37 -8.32
N LEU B 162 10.22 -5.32 -8.74
CA LEU B 162 9.79 -6.14 -9.87
C LEU B 162 10.44 -5.65 -11.17
N LEU B 163 10.44 -4.34 -11.38
CA LEU B 163 11.13 -3.74 -12.52
C LEU B 163 12.56 -4.22 -12.58
N ALA B 164 13.29 -4.13 -11.46
CA ALA B 164 14.69 -4.55 -11.43
C ALA B 164 14.82 -6.05 -11.64
N PHE B 165 13.93 -6.85 -11.06
CA PHE B 165 14.01 -8.29 -11.21
C PHE B 165 13.78 -8.71 -12.67
N LEU B 166 12.82 -8.07 -13.34
CA LEU B 166 12.58 -8.38 -14.75
C LEU B 166 13.78 -8.01 -15.62
N SER B 167 14.49 -6.93 -15.28
CA SER B 167 15.69 -6.59 -16.04
C SER B 167 16.79 -7.63 -15.85
N ARG B 168 16.93 -8.15 -14.63
CA ARG B 168 17.93 -9.20 -14.37
C ARG B 168 17.54 -10.50 -15.05
N CYS B 169 16.24 -10.80 -15.11
CA CYS B 169 15.81 -11.99 -15.84
C CYS B 169 16.12 -11.87 -17.33
N ARG B 170 15.94 -10.68 -17.90
CA ARG B 170 16.30 -10.48 -19.30
C ARG B 170 17.76 -10.89 -19.54
N ASP B 171 18.66 -10.47 -18.64
CA ASP B 171 20.07 -10.85 -18.73
C ASP B 171 20.29 -12.34 -18.53
N GLY B 172 19.39 -13.02 -17.82
CA GLY B 172 19.53 -14.45 -17.62
C GLY B 172 19.11 -15.30 -18.80
N LEU B 173 18.48 -14.72 -19.81
CA LEU B 173 17.99 -15.49 -20.95
C LEU B 173 19.09 -15.77 -21.95
N LYS B 174 19.12 -17.00 -22.44
CA LYS B 174 19.88 -17.31 -23.64
C LYS B 174 19.23 -16.61 -24.84
N GLU B 175 19.97 -16.53 -25.95
CA GLU B 175 19.38 -16.00 -27.17
C GLU B 175 18.14 -16.80 -27.54
N ASN B 176 17.10 -16.09 -28.00
CA ASN B 176 15.77 -16.62 -28.27
C ASN B 176 15.01 -17.04 -27.02
N GLY B 177 15.57 -16.84 -25.82
CA GLY B 177 14.87 -17.21 -24.61
C GLY B 177 13.75 -16.24 -24.28
N ILE B 178 12.82 -16.68 -23.43
CA ILE B 178 11.64 -15.89 -23.11
C ILE B 178 11.31 -15.99 -21.62
N ILE B 179 10.67 -14.95 -21.12
CA ILE B 179 10.09 -14.92 -19.78
C ILE B 179 8.60 -15.14 -19.93
N ILE B 180 8.06 -16.06 -19.15
CA ILE B 180 6.61 -16.25 -19.05
C ILE B 180 6.17 -15.67 -17.71
N LEU B 181 5.35 -14.62 -17.77
CA LEU B 181 4.78 -14.00 -16.60
C LEU B 181 3.29 -14.34 -16.56
N LYS B 182 2.84 -14.93 -15.45
CA LYS B 182 1.44 -15.30 -15.27
C LYS B 182 0.99 -14.81 -13.91
N ASP B 183 -0.06 -13.99 -13.87
CA ASP B 183 -0.49 -13.44 -12.59
C ASP B 183 -1.90 -12.88 -12.71
N ASN B 184 -2.46 -12.56 -11.55
CA ASN B 184 -3.70 -11.81 -11.48
C ASN B 184 -3.50 -10.41 -12.03
N VAL B 185 -4.48 -9.93 -12.80
CA VAL B 185 -4.46 -8.57 -13.35
C VAL B 185 -5.80 -7.92 -13.00
N ALA B 186 -5.76 -6.90 -12.15
CA ALA B 186 -6.96 -6.19 -11.76
C ALA B 186 -7.60 -5.49 -12.96
N ARG B 187 -8.93 -5.42 -12.94
CA ARG B 187 -9.63 -4.80 -14.04
C ARG B 187 -9.45 -3.29 -14.03
N GLU B 188 -9.40 -2.67 -12.85
CA GLU B 188 -9.18 -1.23 -12.75
C GLU B 188 -8.39 -0.93 -11.49
N GLY B 189 -7.32 -0.16 -11.64
CA GLY B 189 -6.53 0.26 -10.50
C GLY B 189 -5.85 -0.88 -9.76
N CYS B 190 -4.93 -0.56 -8.87
CA CYS B 190 -4.16 -1.58 -8.17
C CYS B 190 -4.73 -1.81 -6.78
N ILE B 191 -4.55 -3.04 -6.28
CA ILE B 191 -5.00 -3.43 -4.97
C ILE B 191 -3.79 -3.86 -4.16
N LEU B 192 -3.54 -3.19 -3.05
CA LEU B 192 -2.51 -3.60 -2.12
C LEU B 192 -3.17 -4.37 -0.98
N ASP B 193 -2.81 -5.64 -0.84
CA ASP B 193 -3.41 -6.51 0.15
C ASP B 193 -2.39 -6.73 1.26
N LEU B 194 -2.64 -6.14 2.43
CA LEU B 194 -1.67 -6.21 3.52
C LEU B 194 -1.66 -7.53 4.25
N SER B 195 -2.66 -8.40 4.02
CA SER B 195 -2.68 -9.68 4.73
C SER B 195 -1.59 -10.61 4.20
N ASP B 196 -1.43 -10.69 2.88
CA ASP B 196 -0.38 -11.52 2.30
C ASP B 196 0.75 -10.71 1.67
N SER B 197 0.75 -9.39 1.85
CA SER B 197 1.76 -8.50 1.27
C SER B 197 1.84 -8.69 -0.24
N SER B 198 0.73 -8.43 -0.92
CA SER B 198 0.69 -8.53 -2.36
C SER B 198 0.10 -7.26 -2.93
N VAL B 199 0.51 -6.92 -4.14
CA VAL B 199 -0.14 -5.88 -4.92
C VAL B 199 -0.67 -6.53 -6.19
N THR B 200 -1.97 -6.37 -6.42
CA THR B 200 -2.59 -6.77 -7.68
C THR B 200 -2.60 -5.56 -8.59
N ARG B 201 -1.89 -5.64 -9.71
CA ARG B 201 -1.75 -4.52 -10.63
C ARG B 201 -2.74 -4.64 -11.78
N ASP B 202 -3.12 -3.51 -12.36
CA ASP B 202 -3.95 -3.54 -13.56
C ASP B 202 -3.04 -3.64 -14.78
N MET B 203 -3.67 -3.71 -15.97
CA MET B 203 -2.92 -3.99 -17.19
C MET B 203 -1.96 -2.86 -17.53
N ASP B 204 -2.39 -1.61 -17.34
CA ASP B 204 -1.54 -0.47 -17.71
C ASP B 204 -0.29 -0.41 -16.85
N ILE B 205 -0.43 -0.61 -15.54
CA ILE B 205 0.73 -0.59 -14.66
C ILE B 205 1.67 -1.74 -15.01
N LEU B 206 1.11 -2.92 -15.25
CA LEU B 206 1.93 -4.08 -15.57
C LEU B 206 2.70 -3.87 -16.86
N ARG B 207 2.01 -3.49 -17.93
CA ARG B 207 2.68 -3.21 -19.19
C ARG B 207 3.72 -2.11 -19.04
N SER B 208 3.48 -1.14 -18.14
CA SER B 208 4.45 -0.08 -17.90
C SER B 208 5.74 -0.62 -17.30
N LEU B 209 5.63 -1.58 -16.36
CA LEU B 209 6.82 -2.14 -15.73
C LEU B 209 7.57 -3.06 -16.68
N ILE B 210 6.85 -3.85 -17.47
CA ILE B 210 7.47 -4.66 -18.51
C ILE B 210 8.29 -3.78 -19.45
N ARG B 211 7.70 -2.66 -19.90
CA ARG B 211 8.39 -1.76 -20.82
C ARG B 211 9.63 -1.15 -20.18
N LYS B 212 9.49 -0.62 -18.95
CA LYS B 212 10.63 0.04 -18.30
C LYS B 212 11.78 -0.93 -18.05
N SER B 213 11.49 -2.23 -17.94
CA SER B 213 12.53 -3.21 -17.69
C SER B 213 13.32 -3.56 -18.94
N GLY B 214 12.91 -3.08 -20.12
CA GLY B 214 13.59 -3.44 -21.34
C GLY B 214 13.04 -4.65 -22.06
N LEU B 215 11.83 -5.09 -21.70
CA LEU B 215 11.20 -6.25 -22.30
C LEU B 215 10.05 -5.81 -23.21
N VAL B 216 9.70 -6.68 -24.14
CA VAL B 216 8.53 -6.44 -24.99
C VAL B 216 7.66 -7.69 -24.99
N VAL B 217 6.36 -7.46 -25.13
CA VAL B 217 5.37 -8.54 -25.09
C VAL B 217 5.38 -9.24 -26.44
N LEU B 218 5.97 -10.44 -26.48
CA LEU B 218 5.87 -11.26 -27.68
C LEU B 218 4.46 -11.83 -27.84
N GLY B 219 3.78 -12.09 -26.73
CA GLY B 219 2.43 -12.61 -26.78
C GLY B 219 1.78 -12.52 -25.41
N GLN B 220 0.45 -12.53 -25.41
CA GLN B 220 -0.27 -12.48 -24.16
C GLN B 220 -1.65 -13.09 -24.37
N GLU B 221 -2.16 -13.74 -23.32
CA GLU B 221 -3.41 -14.47 -23.41
C GLU B 221 -4.10 -14.48 -22.05
N LYS B 222 -5.40 -14.23 -22.06
CA LYS B 222 -6.19 -14.26 -20.84
C LYS B 222 -6.54 -15.71 -20.49
N GLN B 223 -6.41 -16.04 -19.21
CA GLN B 223 -6.74 -17.38 -18.75
C GLN B 223 -8.24 -17.63 -18.91
N ASP B 224 -8.58 -18.76 -19.54
CA ASP B 224 -9.97 -19.16 -19.72
C ASP B 224 -10.39 -20.15 -18.64
N GLY B 225 -11.70 -20.35 -18.53
CA GLY B 225 -12.21 -21.32 -17.59
C GLY B 225 -12.08 -20.93 -16.13
N PHE B 226 -11.89 -19.66 -15.86
CA PHE B 226 -11.78 -19.18 -14.50
C PHE B 226 -13.05 -18.48 -14.08
N PRO B 227 -13.37 -18.46 -12.79
CA PRO B 227 -14.68 -17.97 -12.37
C PRO B 227 -14.75 -16.45 -12.37
N GLU B 228 -15.96 -15.95 -12.60
CA GLU B 228 -16.22 -14.52 -12.55
C GLU B 228 -15.94 -13.94 -11.17
N GLN B 229 -16.00 -14.77 -10.12
CA GLN B 229 -15.77 -14.29 -8.76
C GLN B 229 -14.30 -14.03 -8.47
N CYS B 230 -13.39 -14.41 -9.35
CA CYS B 230 -11.96 -14.22 -9.15
C CYS B 230 -11.43 -13.12 -10.06
N ILE B 231 -10.36 -12.48 -9.61
CA ILE B 231 -9.66 -11.52 -10.45
C ILE B 231 -9.17 -12.22 -11.72
N PRO B 232 -9.24 -11.59 -12.89
CA PRO B 232 -8.75 -12.23 -14.11
C PRO B 232 -7.26 -12.57 -14.02
N VAL B 233 -6.88 -13.62 -14.75
CA VAL B 233 -5.50 -14.09 -14.81
C VAL B 233 -5.02 -13.99 -16.25
N TRP B 234 -3.80 -13.49 -16.44
CA TRP B 234 -3.21 -13.29 -17.75
C TRP B 234 -1.83 -13.92 -17.83
N MET B 235 -1.50 -14.42 -19.02
CA MET B 235 -0.17 -14.94 -19.35
C MET B 235 0.51 -13.99 -20.34
N PHE B 236 1.82 -13.77 -20.13
CA PHE B 236 2.61 -12.91 -20.99
C PHE B 236 3.89 -13.63 -21.37
N ALA B 237 4.22 -13.62 -22.66
CA ALA B 237 5.51 -14.08 -23.14
C ALA B 237 6.36 -12.84 -23.44
N LEU B 238 7.49 -12.71 -22.76
CA LEU B 238 8.31 -11.51 -22.81
C LEU B 238 9.71 -11.86 -23.32
N HIS B 239 10.29 -10.94 -24.09
CA HIS B 239 11.66 -11.10 -24.54
C HIS B 239 12.27 -9.75 -24.90
N GLY C 1 3.51 13.85 10.98
CA GLY C 1 4.00 15.16 10.62
C GLY C 1 4.56 15.27 9.21
N PRO C 2 5.47 16.22 8.99
CA PRO C 2 6.07 16.36 7.66
C PRO C 2 6.86 15.13 7.29
N LYS C 3 6.92 14.86 5.98
CA LYS C 3 7.64 13.70 5.47
C LYS C 3 8.54 14.12 4.33
N ARG C 4 9.64 13.38 4.15
CA ARG C 4 10.56 13.67 3.06
C ARG C 4 9.96 13.25 1.72
N ARG C 5 10.44 13.91 0.67
CA ARG C 5 10.11 13.56 -0.70
C ARG C 5 10.87 12.32 -1.14
N GLN C 6 10.52 11.82 -2.32
CA GLN C 6 11.18 10.64 -2.89
C GLN C 6 12.55 11.01 -3.46
N GLY D 1 -1.71 -17.12 -5.37
CA GLY D 1 -2.58 -17.74 -6.36
C GLY D 1 -3.78 -16.88 -6.73
N PRO D 2 -4.87 -17.52 -7.15
CA PRO D 2 -6.09 -16.77 -7.47
C PRO D 2 -6.60 -16.02 -6.26
N LYS D 3 -7.26 -14.90 -6.52
CA LYS D 3 -7.84 -14.06 -5.49
C LYS D 3 -9.26 -13.70 -5.89
N ARG D 4 -10.13 -13.54 -4.89
CA ARG D 4 -11.48 -13.07 -5.18
C ARG D 4 -11.42 -11.62 -5.64
N ARG D 5 -12.31 -11.27 -6.55
CA ARG D 5 -12.35 -9.90 -7.03
C ARG D 5 -12.93 -8.99 -5.96
N GLN D 6 -12.44 -7.77 -5.91
CA GLN D 6 -12.94 -6.78 -4.98
C GLN D 6 -14.03 -5.94 -5.65
N LEU D 7 -14.86 -5.34 -4.83
CA LEU D 7 -15.94 -4.50 -5.33
C LEU D 7 -15.56 -3.04 -5.21
N THR D 8 -16.11 -2.22 -6.10
CA THR D 8 -15.86 -0.79 -6.11
C THR D 8 -17.17 -0.07 -5.82
N PHE D 9 -17.15 0.79 -4.79
CA PHE D 9 -18.34 1.53 -4.40
C PHE D 9 -18.21 3.04 -4.67
#